data_5YM3
#
_entry.id   5YM3
#
_cell.length_a   109.103
_cell.length_b   109.103
_cell.length_c   105.709
_cell.angle_alpha   90.00
_cell.angle_beta   90.00
_cell.angle_gamma   120.00
#
_symmetry.space_group_name_H-M   'P 31 2 1'
#
loop_
_entity.id
_entity.type
_entity.pdbx_description
1 polymer 'Ferruginol synthase'
2 non-polymer 'PROTOPORPHYRIN IX CONTAINING FE'
3 non-polymer 4-PHENYL-1H-IMIDAZOLE
4 non-polymer 'MANGANESE (II) ION'
5 water water
#
_entity_poly.entity_id   1
_entity_poly.type   'polypeptide(L)'
_entity_poly.pdbx_seq_one_letter_code
;MDSFPLLAALFFIAATITFLSFRRRRNLPPGPFPYPIVGNMLQLGANPHQVFAKLSKRYGPLMSIHLGSLYTVIVSSPEM
AKEILHRHGQVFSGRTIAQAVHACDHDKISMGFLPVASEWRDMRKICKEQMFSNQSMEASQGLRRQKLQQLLDHVQKCSD
SGRAVDIREAAFITTLNLMSATLFSSQATEFDSKATMEFKEIIEGVATIVGVPNFADYFPILRPFDPQGVKRRADVFFGK
LLAKIEGYLNERLESKRANPNAPKKDDFLEIVVDIIQANEFKLKTHHFTHLMLDLFVGGSDTNTTSIEWAMSELVMNPDK
MARLKAELKSVAGDEKIVDESAMPKLPYLQAVIKEVMRIHPPGPLLLPRKAESDQEVNGYLIPKGTQILINAYAIGRDPS
IWTDPETFDPERFLDNKIDFKGQDYELLPFGSGRRVCPGMPLATRILHMATATLVHNFDWKLEDDSTAAADHAGELFGVA
VRRAVPLRIIPIVKS
;
_entity_poly.pdbx_strand_id   A
#
# COMPACT_ATOMS: atom_id res chain seq x y z
N LEU A 28 -13.17 -28.14 10.10
CA LEU A 28 -12.91 -26.76 9.76
C LEU A 28 -12.56 -25.93 11.00
N PRO A 29 -11.77 -24.87 10.81
CA PRO A 29 -11.45 -24.00 11.96
C PRO A 29 -12.73 -23.46 12.61
N PRO A 30 -12.68 -23.18 13.92
CA PRO A 30 -13.87 -22.69 14.61
C PRO A 30 -14.25 -21.30 14.11
N GLY A 31 -15.48 -20.88 14.37
CA GLY A 31 -15.89 -19.54 14.02
C GLY A 31 -17.35 -19.28 14.33
N PRO A 32 -17.78 -18.03 14.22
CA PRO A 32 -19.17 -17.61 14.48
C PRO A 32 -20.21 -18.36 13.64
N PHE A 33 -21.37 -18.65 14.25
CA PHE A 33 -22.43 -19.37 13.54
C PHE A 33 -22.81 -18.68 12.25
N PRO A 34 -22.68 -19.38 11.13
CA PRO A 34 -23.09 -18.84 9.82
C PRO A 34 -24.57 -19.05 9.51
N TYR A 35 -25.27 -17.96 9.19
CA TYR A 35 -26.67 -18.01 8.81
C TYR A 35 -26.86 -18.41 7.36
N PRO A 36 -28.02 -18.99 7.04
CA PRO A 36 -28.29 -19.35 5.64
C PRO A 36 -28.14 -18.14 4.72
N ILE A 37 -27.71 -18.41 3.49
CA ILE A 37 -27.50 -17.40 2.47
C ILE A 37 -26.38 -16.43 2.83
N VAL A 38 -26.58 -15.64 3.88
CA VAL A 38 -25.65 -14.53 4.16
C VAL A 38 -24.36 -14.94 4.88
N GLY A 39 -24.37 -16.11 5.53
CA GLY A 39 -23.23 -16.50 6.35
C GLY A 39 -22.99 -15.53 7.49
N ASN A 40 -21.79 -14.97 7.56
CA ASN A 40 -21.43 -14.01 8.62
C ASN A 40 -21.42 -12.56 8.15
N MET A 41 -21.81 -12.32 6.90
CA MET A 41 -21.70 -10.99 6.31
C MET A 41 -22.42 -9.87 7.08
N LEU A 42 -23.56 -10.18 7.69
CA LEU A 42 -24.38 -9.15 8.36
C LEU A 42 -23.77 -8.59 9.63
N GLN A 43 -22.63 -9.13 10.06
CA GLN A 43 -22.02 -8.73 11.32
C GLN A 43 -20.76 -7.90 11.14
N LEU A 44 -20.30 -7.77 9.90
CA LEU A 44 -19.00 -7.17 9.65
C LEU A 44 -18.98 -5.66 9.89
N GLY A 45 -20.08 -5.01 9.53
CA GLY A 45 -20.18 -3.58 9.71
C GLY A 45 -19.28 -2.84 8.75
N ALA A 46 -18.88 -1.63 9.14
CA ALA A 46 -18.15 -0.75 8.24
C ALA A 46 -16.65 -0.95 8.34
N ASN A 47 -16.17 -1.53 9.45
CA ASN A 47 -14.75 -1.84 9.63
C ASN A 47 -14.52 -3.32 9.90
N PRO A 48 -14.66 -4.17 8.87
CA PRO A 48 -14.63 -5.63 9.05
C PRO A 48 -13.38 -6.13 9.77
N HIS A 49 -12.23 -5.49 9.56
CA HIS A 49 -10.97 -5.88 10.21
C HIS A 49 -11.03 -5.74 11.73
N GLN A 50 -11.77 -4.73 12.21
CA GLN A 50 -11.95 -4.52 13.64
C GLN A 50 -12.82 -5.62 14.22
N VAL A 51 -13.83 -6.01 13.47
CA VAL A 51 -14.77 -7.01 13.96
C VAL A 51 -14.09 -8.37 13.97
N PHE A 52 -13.29 -8.65 12.95
CA PHE A 52 -12.51 -9.89 12.91
C PHE A 52 -11.56 -9.96 14.10
N ALA A 53 -10.91 -8.84 14.42
CA ALA A 53 -9.95 -8.79 15.53
C ALA A 53 -10.63 -9.14 16.85
N LYS A 54 -11.80 -8.55 17.06
CA LYS A 54 -12.57 -8.80 18.27
C LYS A 54 -13.03 -10.26 18.31
N LEU A 55 -13.53 -10.75 17.18
CA LEU A 55 -14.00 -12.13 17.07
C LEU A 55 -12.91 -13.18 17.30
N SER A 56 -11.71 -12.92 16.80
CA SER A 56 -10.67 -13.96 16.86
C SER A 56 -10.17 -14.10 18.29
N LYS A 57 -10.48 -13.13 19.14
CA LYS A 57 -10.24 -13.24 20.58
C LYS A 57 -11.04 -14.39 21.15
N ARG A 58 -12.24 -14.60 20.59
CA ARG A 58 -13.13 -15.64 21.08
C ARG A 58 -12.87 -16.98 20.42
N TYR A 59 -12.63 -16.95 19.11
CA TYR A 59 -12.60 -18.19 18.33
C TYR A 59 -11.17 -18.67 18.05
N GLY A 60 -10.19 -17.77 18.11
CA GLY A 60 -8.81 -18.16 17.93
C GLY A 60 -8.13 -17.65 16.67
N PRO A 61 -6.84 -17.99 16.51
CA PRO A 61 -6.02 -17.42 15.44
C PRO A 61 -6.22 -18.10 14.09
N LEU A 62 -7.03 -19.16 14.04
CA LEU A 62 -7.57 -19.70 12.79
C LEU A 62 -9.09 -19.76 12.88
N MET A 63 -9.76 -18.94 12.07
CA MET A 63 -11.19 -18.73 12.25
C MET A 63 -11.98 -18.80 10.93
N SER A 64 -13.06 -19.59 10.93
CA SER A 64 -13.90 -19.73 9.75
C SER A 64 -14.88 -18.57 9.66
N ILE A 65 -14.83 -17.84 8.55
CA ILE A 65 -15.79 -16.80 8.27
C ILE A 65 -16.46 -17.07 6.92
N HIS A 66 -17.78 -17.14 6.89
CA HIS A 66 -18.49 -17.34 5.63
C HIS A 66 -18.98 -16.01 5.09
N LEU A 67 -18.38 -15.56 3.99
CA LEU A 67 -18.80 -14.34 3.31
C LEU A 67 -19.75 -14.74 2.19
N GLY A 68 -21.03 -14.85 2.50
CA GLY A 68 -21.95 -15.53 1.62
C GLY A 68 -21.40 -16.90 1.36
N SER A 69 -21.30 -17.29 0.09
CA SER A 69 -20.78 -18.61 -0.29
C SER A 69 -19.26 -18.66 -0.32
N LEU A 70 -18.61 -17.52 -0.10
CA LEU A 70 -17.16 -17.44 -0.17
C LEU A 70 -16.49 -17.81 1.17
N TYR A 71 -16.16 -19.09 1.35
CA TYR A 71 -15.54 -19.56 2.58
C TYR A 71 -14.15 -18.98 2.79
N THR A 72 -13.94 -18.41 3.96
CA THR A 72 -12.74 -17.65 4.30
C THR A 72 -12.18 -18.10 5.64
N VAL A 73 -10.86 -18.17 5.76
CA VAL A 73 -10.23 -18.38 7.05
C VAL A 73 -9.41 -17.15 7.42
N ILE A 74 -9.71 -16.56 8.57
CA ILE A 74 -8.92 -15.45 9.09
C ILE A 74 -7.77 -15.93 9.98
N VAL A 75 -6.57 -15.46 9.66
CA VAL A 75 -5.33 -15.77 10.39
C VAL A 75 -4.95 -14.59 11.30
N SER A 76 -4.87 -14.80 12.61
CA SER A 76 -4.72 -13.69 13.55
C SER A 76 -3.62 -13.79 14.61
N SER A 77 -2.57 -14.56 14.36
CA SER A 77 -1.42 -14.57 15.27
C SER A 77 -0.14 -14.71 14.46
N PRO A 78 1.01 -14.33 15.05
CA PRO A 78 2.32 -14.52 14.40
C PRO A 78 2.59 -16.00 14.12
N GLU A 79 2.20 -16.85 15.06
CA GLU A 79 2.33 -18.29 14.88
C GLU A 79 1.59 -18.78 13.63
N MET A 80 0.30 -18.49 13.52
CA MET A 80 -0.47 -18.98 12.38
C MET A 80 -0.05 -18.30 11.07
N ALA A 81 0.35 -17.04 11.14
CA ALA A 81 0.87 -16.33 9.97
C ALA A 81 2.07 -17.06 9.39
N LYS A 82 2.97 -17.49 10.28
CA LYS A 82 4.16 -18.21 9.85
C LYS A 82 3.79 -19.58 9.28
N GLU A 83 2.82 -20.26 9.90
CA GLU A 83 2.37 -21.55 9.39
C GLU A 83 1.83 -21.44 7.96
N ILE A 84 1.10 -20.37 7.71
CA ILE A 84 0.43 -20.16 6.44
C ILE A 84 1.39 -19.64 5.38
N LEU A 85 2.11 -18.57 5.72
CA LEU A 85 2.89 -17.82 4.75
C LEU A 85 4.25 -18.45 4.52
N HIS A 86 4.76 -19.13 5.55
CA HIS A 86 6.08 -19.71 5.48
C HIS A 86 6.04 -21.24 5.32
N ARG A 87 5.72 -21.97 6.40
CA ARG A 87 5.77 -23.43 6.38
C ARG A 87 5.02 -24.02 5.20
N HIS A 88 3.81 -23.51 4.93
CA HIS A 88 3.05 -23.98 3.78
C HIS A 88 2.92 -22.86 2.75
N GLY A 89 3.96 -22.04 2.66
CA GLY A 89 4.00 -20.90 1.75
C GLY A 89 3.58 -21.15 0.31
N GLN A 90 3.82 -22.35 -0.21
CA GLN A 90 3.48 -22.67 -1.59
C GLN A 90 1.98 -22.94 -1.74
N VAL A 91 1.44 -23.74 -0.81
CA VAL A 91 0.02 -24.07 -0.83
C VAL A 91 -0.86 -22.82 -0.76
N PHE A 92 -0.39 -21.81 0.00
CA PHE A 92 -1.16 -20.59 0.19
C PHE A 92 -0.59 -19.41 -0.61
N SER A 93 -0.01 -19.73 -1.76
CA SER A 93 0.69 -18.74 -2.57
C SER A 93 -0.23 -18.14 -3.62
N GLY A 94 -1.46 -18.66 -3.67
CA GLY A 94 -2.42 -18.20 -4.66
C GLY A 94 -3.17 -16.98 -4.16
N ARG A 95 -3.95 -16.36 -5.04
CA ARG A 95 -4.76 -15.21 -4.65
C ARG A 95 -6.25 -15.48 -4.89
N THR A 96 -7.09 -14.84 -4.09
CA THR A 96 -8.51 -14.77 -4.37
C THR A 96 -8.75 -13.57 -5.30
N ILE A 97 -9.46 -13.80 -6.39
CA ILE A 97 -9.61 -12.74 -7.38
C ILE A 97 -11.03 -12.13 -7.36
N ALA A 98 -11.11 -10.89 -6.91
CA ALA A 98 -12.36 -10.15 -6.95
C ALA A 98 -12.83 -10.03 -8.40
N GLN A 99 -14.12 -9.77 -8.60
CA GLN A 99 -14.64 -9.67 -9.96
C GLN A 99 -14.14 -8.41 -10.64
N ALA A 100 -13.94 -7.33 -9.87
CA ALA A 100 -13.45 -6.07 -10.42
C ALA A 100 -12.07 -6.21 -11.08
N VAL A 101 -11.28 -7.17 -10.60
CA VAL A 101 -9.94 -7.45 -11.15
C VAL A 101 -10.00 -8.06 -12.56
N HIS A 102 -11.18 -8.51 -12.98
CA HIS A 102 -11.36 -9.11 -14.30
C HIS A 102 -11.41 -8.07 -15.43
N ALA A 103 -11.44 -6.79 -15.07
CA ALA A 103 -11.48 -5.70 -16.03
C ALA A 103 -10.26 -5.69 -16.94
N CYS A 104 -10.49 -5.56 -18.24
CA CYS A 104 -9.44 -5.59 -19.26
C CYS A 104 -8.55 -6.84 -19.09
N ASP A 105 -9.17 -7.90 -18.57
CA ASP A 105 -8.56 -9.20 -18.33
C ASP A 105 -7.29 -9.17 -17.48
N HIS A 106 -7.24 -8.20 -16.57
CA HIS A 106 -6.14 -8.05 -15.61
C HIS A 106 -5.90 -9.32 -14.78
N ASP A 107 -6.98 -10.01 -14.44
CA ASP A 107 -6.91 -11.23 -13.63
C ASP A 107 -6.04 -12.32 -14.27
N LYS A 108 -5.92 -12.27 -15.60
CA LYS A 108 -5.15 -13.25 -16.35
C LYS A 108 -3.72 -12.79 -16.65
N ILE A 109 -3.45 -11.51 -16.44
CA ILE A 109 -2.20 -10.89 -16.89
C ILE A 109 -1.31 -10.42 -15.74
N SER A 110 -1.93 -10.06 -14.62
CA SER A 110 -1.25 -9.36 -13.53
C SER A 110 -0.35 -10.21 -12.60
N MET A 111 0.83 -9.67 -12.30
CA MET A 111 1.77 -10.25 -11.34
C MET A 111 1.16 -10.31 -9.95
N GLY A 112 0.17 -9.45 -9.71
CA GLY A 112 -0.52 -9.43 -8.45
C GLY A 112 -1.57 -10.52 -8.25
N PHE A 113 -2.02 -11.17 -9.32
CA PHE A 113 -3.11 -12.14 -9.20
C PHE A 113 -2.89 -13.50 -9.86
N LEU A 114 -1.93 -13.58 -10.78
CA LEU A 114 -1.54 -14.85 -11.37
C LEU A 114 -1.07 -15.84 -10.31
N PRO A 115 -1.29 -17.14 -10.55
CA PRO A 115 -0.73 -18.12 -9.61
C PRO A 115 0.79 -18.11 -9.70
N VAL A 116 1.44 -18.62 -8.66
CA VAL A 116 2.88 -18.74 -8.71
C VAL A 116 3.26 -19.77 -9.78
N ALA A 117 3.80 -19.24 -10.88
CA ALA A 117 4.24 -20.03 -12.02
C ALA A 117 5.28 -19.22 -12.79
N SER A 118 5.68 -19.73 -13.96
CA SER A 118 6.69 -19.09 -14.81
C SER A 118 6.52 -17.58 -15.06
N GLU A 119 5.35 -17.17 -15.55
CA GLU A 119 5.10 -15.77 -15.87
C GLU A 119 5.24 -14.87 -14.63
N TRP A 120 4.74 -15.37 -13.51
CA TRP A 120 4.80 -14.64 -12.25
C TRP A 120 6.25 -14.51 -11.75
N ARG A 121 7.01 -15.60 -11.79
CA ARG A 121 8.41 -15.59 -11.34
C ARG A 121 9.24 -14.57 -12.12
N ASP A 122 9.02 -14.53 -13.43
CA ASP A 122 9.73 -13.62 -14.31
C ASP A 122 9.45 -12.16 -13.97
N MET A 123 8.19 -11.83 -13.70
CA MET A 123 7.84 -10.46 -13.35
C MET A 123 8.34 -10.12 -11.95
N ARG A 124 8.36 -11.10 -11.06
CA ARG A 124 8.91 -10.91 -9.72
C ARG A 124 10.39 -10.60 -9.82
N LYS A 125 11.08 -11.41 -10.62
CA LYS A 125 12.51 -11.26 -10.87
C LYS A 125 12.84 -9.87 -11.43
N ILE A 126 12.10 -9.46 -12.44
CA ILE A 126 12.26 -8.15 -13.02
C ILE A 126 12.13 -7.05 -11.95
N CYS A 127 11.09 -7.15 -11.12
CA CYS A 127 10.91 -6.25 -9.98
C CYS A 127 12.09 -6.27 -9.01
N LYS A 128 12.43 -7.46 -8.52
CA LYS A 128 13.45 -7.56 -7.49
C LYS A 128 14.84 -7.18 -7.99
N GLU A 129 15.21 -7.71 -9.16
CA GLU A 129 16.59 -7.59 -9.61
C GLU A 129 16.88 -6.35 -10.44
N GLN A 130 15.84 -5.74 -11.00
CA GLN A 130 16.06 -4.61 -11.88
C GLN A 130 15.34 -3.35 -11.45
N MET A 131 14.07 -3.48 -11.08
CA MET A 131 13.26 -2.30 -10.85
C MET A 131 13.39 -1.69 -9.46
N PHE A 132 13.43 -2.52 -8.42
CA PHE A 132 13.51 -2.01 -7.06
C PHE A 132 14.88 -2.32 -6.46
N SER A 133 15.84 -2.63 -7.32
CA SER A 133 17.23 -2.85 -6.92
C SER A 133 17.83 -1.59 -6.30
N ASN A 134 18.97 -1.76 -5.62
CA ASN A 134 19.65 -0.62 -5.02
C ASN A 134 20.11 0.36 -6.09
N GLN A 135 20.73 -0.16 -7.15
CA GLN A 135 21.15 0.67 -8.28
C GLN A 135 19.98 1.50 -8.80
N SER A 136 18.83 0.86 -8.98
CA SER A 136 17.67 1.54 -9.53
C SER A 136 17.09 2.63 -8.62
N MET A 137 16.97 2.31 -7.33
CA MET A 137 16.39 3.26 -6.39
C MET A 137 17.25 4.52 -6.22
N GLU A 138 18.56 4.32 -6.19
CA GLU A 138 19.51 5.42 -6.03
C GLU A 138 19.57 6.26 -7.31
N ALA A 139 19.44 5.60 -8.45
CA ALA A 139 19.48 6.27 -9.74
C ALA A 139 18.29 7.18 -9.97
N SER A 140 17.19 6.92 -9.26
CA SER A 140 15.99 7.74 -9.42
C SER A 140 15.78 8.68 -8.24
N GLN A 141 16.76 8.73 -7.33
CA GLN A 141 16.67 9.58 -6.14
C GLN A 141 16.50 11.07 -6.45
N GLY A 142 17.13 11.53 -7.52
CA GLY A 142 17.06 12.94 -7.90
C GLY A 142 15.76 13.34 -8.54
N LEU A 143 15.20 12.43 -9.36
CA LEU A 143 13.87 12.63 -9.94
C LEU A 143 12.82 12.90 -8.86
N ARG A 144 12.85 12.11 -7.80
CA ARG A 144 11.89 12.24 -6.69
C ARG A 144 12.14 13.49 -5.88
N ARG A 145 13.40 13.93 -5.84
CA ARG A 145 13.77 15.08 -5.05
C ARG A 145 13.02 16.35 -5.47
N GLN A 146 12.86 16.53 -6.78
CA GLN A 146 12.12 17.68 -7.31
C GLN A 146 10.68 17.68 -6.81
N LYS A 147 10.05 16.52 -6.83
CA LYS A 147 8.67 16.37 -6.36
C LYS A 147 8.54 16.76 -4.89
N LEU A 148 9.58 16.46 -4.10
CA LEU A 148 9.60 16.83 -2.69
C LEU A 148 9.76 18.33 -2.53
N GLN A 149 10.63 18.90 -3.36
CA GLN A 149 10.79 20.36 -3.44
C GLN A 149 9.44 21.03 -3.77
N GLN A 150 8.72 20.51 -4.76
CA GLN A 150 7.39 21.02 -5.09
C GLN A 150 6.44 20.98 -3.90
N LEU A 151 6.40 19.85 -3.19
CA LEU A 151 5.58 19.74 -1.98
C LEU A 151 5.98 20.78 -0.95
N LEU A 152 7.28 20.97 -0.79
CA LEU A 152 7.81 21.93 0.16
C LEU A 152 7.30 23.35 -0.15
N ASP A 153 7.35 23.70 -1.43
CA ASP A 153 6.89 25.00 -1.89
C ASP A 153 5.39 25.18 -1.67
N HIS A 154 4.63 24.11 -1.94
CA HIS A 154 3.18 24.15 -1.75
C HIS A 154 2.85 24.49 -0.30
N VAL A 155 3.43 23.75 0.62
CA VAL A 155 3.16 23.91 2.04
C VAL A 155 3.63 25.29 2.51
N GLN A 156 4.66 25.82 1.85
CA GLN A 156 5.17 27.14 2.18
C GLN A 156 4.15 28.23 1.89
N LYS A 157 3.43 28.12 0.76
CA LYS A 157 2.38 29.07 0.43
C LYS A 157 1.32 29.09 1.50
N CYS A 158 0.74 27.92 1.77
CA CYS A 158 -0.27 27.77 2.82
C CYS A 158 0.23 28.33 4.16
N SER A 159 1.51 28.13 4.45
CA SER A 159 2.13 28.61 5.68
C SER A 159 2.07 30.13 5.78
N ASP A 160 2.42 30.79 4.68
CA ASP A 160 2.40 32.25 4.61
C ASP A 160 0.98 32.78 4.81
N SER A 161 0.04 32.26 4.03
CA SER A 161 -1.34 32.70 4.13
C SER A 161 -1.99 32.26 5.44
N GLY A 162 -1.34 31.35 6.16
CA GLY A 162 -1.86 30.85 7.42
C GLY A 162 -2.95 29.80 7.26
N ARG A 163 -3.09 29.28 6.04
CA ARG A 163 -4.13 28.30 5.71
C ARG A 163 -3.74 26.87 6.09
N ALA A 164 -4.66 26.16 6.72
CA ALA A 164 -4.44 24.76 7.04
C ALA A 164 -4.22 23.92 5.77
N VAL A 165 -3.26 23.01 5.84
CA VAL A 165 -3.03 22.06 4.76
C VAL A 165 -3.90 20.83 4.97
N ASP A 166 -4.60 20.42 3.92
CA ASP A 166 -5.29 19.13 3.92
C ASP A 166 -4.27 18.02 3.63
N ILE A 167 -3.85 17.33 4.69
CA ILE A 167 -2.79 16.34 4.59
C ILE A 167 -3.14 15.21 3.63
N ARG A 168 -4.37 14.71 3.68
CA ARG A 168 -4.76 13.65 2.76
C ARG A 168 -4.56 14.06 1.31
N GLU A 169 -5.05 15.25 0.95
CA GLU A 169 -4.93 15.73 -0.43
C GLU A 169 -3.47 15.99 -0.82
N ALA A 170 -2.73 16.59 0.09
CA ALA A 170 -1.31 16.87 -0.14
C ALA A 170 -0.51 15.58 -0.35
N ALA A 171 -0.74 14.60 0.51
CA ALA A 171 -0.04 13.31 0.41
C ALA A 171 -0.42 12.57 -0.86
N PHE A 172 -1.69 12.65 -1.22
CA PHE A 172 -2.17 11.99 -2.44
C PHE A 172 -1.36 12.48 -3.63
N ILE A 173 -1.31 13.81 -3.78
CA ILE A 173 -0.66 14.43 -4.92
C ILE A 173 0.83 14.17 -4.91
N THR A 174 1.45 14.26 -3.73
CA THR A 174 2.89 14.04 -3.61
C THR A 174 3.24 12.61 -3.97
N THR A 175 2.45 11.66 -3.46
CA THR A 175 2.69 10.25 -3.77
C THR A 175 2.59 10.02 -5.26
N LEU A 176 1.54 10.57 -5.87
CA LEU A 176 1.32 10.45 -7.32
C LEU A 176 2.52 11.03 -8.08
N ASN A 177 2.98 12.21 -7.65
CA ASN A 177 4.18 12.81 -8.22
C ASN A 177 5.42 11.92 -8.08
N LEU A 178 5.74 11.52 -6.85
CA LEU A 178 6.86 10.62 -6.60
C LEU A 178 6.80 9.33 -7.41
N MET A 179 5.61 8.74 -7.51
CA MET A 179 5.43 7.52 -8.30
C MET A 179 5.60 7.82 -9.80
N SER A 180 5.01 8.91 -10.25
CA SER A 180 5.16 9.37 -11.64
C SER A 180 6.62 9.59 -12.02
N ALA A 181 7.33 10.31 -11.16
CA ALA A 181 8.73 10.61 -11.39
C ALA A 181 9.57 9.34 -11.51
N THR A 182 9.23 8.34 -10.72
CA THR A 182 10.04 7.13 -10.63
C THR A 182 9.77 6.20 -11.79
N LEU A 183 8.50 6.12 -12.17
CA LEU A 183 8.06 5.22 -13.21
C LEU A 183 8.25 5.80 -14.62
N PHE A 184 7.92 7.09 -14.80
CA PHE A 184 7.93 7.71 -16.14
C PHE A 184 8.85 8.92 -16.33
N SER A 185 9.56 9.32 -15.28
CA SER A 185 10.44 10.50 -15.29
C SER A 185 9.71 11.82 -15.51
N SER A 186 8.42 11.87 -15.21
CA SER A 186 7.61 13.07 -15.46
C SER A 186 8.09 14.26 -14.62
N GLN A 187 8.61 15.29 -15.28
CA GLN A 187 9.25 16.39 -14.59
C GLN A 187 8.41 17.67 -14.54
N ALA A 188 7.11 17.52 -14.70
CA ALA A 188 6.16 18.64 -14.60
C ALA A 188 6.51 19.59 -13.46
N THR A 189 6.25 20.88 -13.66
CA THR A 189 6.73 21.89 -12.73
C THR A 189 5.67 22.32 -11.71
N GLU A 190 4.40 22.06 -12.02
CA GLU A 190 3.32 22.36 -11.08
C GLU A 190 3.09 21.16 -10.14
N PHE A 191 2.91 21.48 -8.86
CA PHE A 191 2.58 20.47 -7.85
C PHE A 191 1.38 19.65 -8.30
N ASP A 192 0.29 20.35 -8.61
CA ASP A 192 -0.93 19.73 -9.11
C ASP A 192 -1.02 19.79 -10.64
N SER A 193 -0.05 19.22 -11.33
CA SER A 193 -0.05 19.20 -12.80
C SER A 193 -1.31 18.51 -13.35
N LYS A 194 -1.63 18.78 -14.61
CA LYS A 194 -2.81 18.17 -15.24
C LYS A 194 -2.70 16.65 -15.27
N ALA A 195 -1.53 16.16 -15.70
CA ALA A 195 -1.28 14.72 -15.79
C ALA A 195 -1.50 14.01 -14.45
N THR A 196 -1.11 14.67 -13.38
CA THR A 196 -1.23 14.12 -12.03
C THR A 196 -2.69 14.10 -11.55
N MET A 197 -3.45 15.13 -11.90
CA MET A 197 -4.83 15.19 -11.44
C MET A 197 -5.72 14.22 -12.23
N GLU A 198 -5.29 13.85 -13.45
CA GLU A 198 -5.97 12.79 -14.18
C GLU A 198 -5.85 11.47 -13.42
N PHE A 199 -4.59 11.08 -13.17
CA PHE A 199 -4.26 9.95 -12.31
C PHE A 199 -5.09 9.92 -11.05
N LYS A 200 -5.12 11.04 -10.34
CA LYS A 200 -5.88 11.16 -9.10
C LYS A 200 -7.35 10.82 -9.31
N GLU A 201 -7.94 11.36 -10.38
CA GLU A 201 -9.34 11.06 -10.70
C GLU A 201 -9.51 9.56 -10.92
N ILE A 202 -8.61 8.98 -11.71
CA ILE A 202 -8.65 7.57 -12.05
C ILE A 202 -8.46 6.66 -10.83
N ILE A 203 -7.47 6.97 -9.99
CA ILE A 203 -7.19 6.18 -8.80
C ILE A 203 -8.36 6.25 -7.81
N GLU A 204 -8.85 7.47 -7.56
CA GLU A 204 -10.04 7.68 -6.76
C GLU A 204 -11.24 6.93 -7.35
N GLY A 205 -11.24 6.81 -8.68
CA GLY A 205 -12.27 6.09 -9.38
C GLY A 205 -12.28 4.63 -9.01
N VAL A 206 -11.12 4.00 -9.17
CA VAL A 206 -10.94 2.59 -8.83
C VAL A 206 -11.30 2.32 -7.37
N ALA A 207 -10.90 3.23 -6.49
CA ALA A 207 -11.11 3.07 -5.06
C ALA A 207 -12.60 3.04 -4.72
N THR A 208 -13.38 3.92 -5.32
CA THR A 208 -14.83 3.96 -5.11
C THR A 208 -15.51 2.63 -5.43
N ILE A 209 -15.12 2.05 -6.55
CA ILE A 209 -15.72 0.82 -7.05
C ILE A 209 -15.37 -0.39 -6.19
N VAL A 210 -14.07 -0.61 -6.00
CA VAL A 210 -13.54 -1.73 -5.22
C VAL A 210 -13.87 -1.65 -3.72
N GLY A 211 -13.97 -0.42 -3.21
CA GLY A 211 -14.13 -0.20 -1.78
C GLY A 211 -15.49 -0.56 -1.21
N VAL A 212 -16.38 -1.06 -2.05
CA VAL A 212 -17.70 -1.48 -1.60
C VAL A 212 -17.98 -2.93 -2.01
N PRO A 213 -18.78 -3.65 -1.20
CA PRO A 213 -19.00 -5.08 -1.46
C PRO A 213 -19.61 -5.34 -2.83
N ASN A 214 -18.89 -6.12 -3.65
CA ASN A 214 -19.45 -6.65 -4.87
C ASN A 214 -20.13 -7.97 -4.53
N PHE A 215 -21.46 -8.01 -4.61
CA PHE A 215 -22.16 -9.23 -4.23
C PHE A 215 -21.88 -10.40 -5.17
N ALA A 216 -21.40 -10.13 -6.37
CA ALA A 216 -20.97 -11.19 -7.26
C ALA A 216 -19.76 -11.93 -6.70
N ASP A 217 -19.00 -11.26 -5.81
CA ASP A 217 -17.85 -11.89 -5.16
C ASP A 217 -18.27 -12.94 -4.14
N TYR A 218 -19.53 -12.86 -3.67
CA TYR A 218 -19.98 -13.67 -2.55
C TYR A 218 -21.12 -14.64 -2.92
N PHE A 219 -21.76 -14.41 -4.06
CA PHE A 219 -22.82 -15.29 -4.56
C PHE A 219 -22.55 -15.65 -6.02
N PRO A 220 -21.97 -16.83 -6.25
CA PRO A 220 -21.51 -17.21 -7.59
C PRO A 220 -22.59 -17.17 -8.67
N ILE A 221 -23.87 -17.27 -8.31
CA ILE A 221 -24.92 -17.21 -9.34
C ILE A 221 -25.05 -15.81 -9.93
N LEU A 222 -24.50 -14.81 -9.22
CA LEU A 222 -24.58 -13.42 -9.66
C LEU A 222 -23.42 -12.98 -10.55
N ARG A 223 -22.35 -13.76 -10.57
CA ARG A 223 -21.16 -13.40 -11.36
C ARG A 223 -21.45 -13.14 -12.85
N PRO A 224 -22.20 -14.04 -13.52
CA PRO A 224 -22.45 -13.75 -14.93
C PRO A 224 -23.27 -12.49 -15.18
N PHE A 225 -23.92 -11.94 -14.15
CA PHE A 225 -24.78 -10.76 -14.29
C PHE A 225 -24.06 -9.43 -14.05
N ASP A 226 -23.02 -9.45 -13.22
CA ASP A 226 -22.36 -8.23 -12.74
C ASP A 226 -23.41 -7.22 -12.26
N PRO A 227 -24.28 -7.64 -11.33
CA PRO A 227 -25.52 -6.88 -11.03
C PRO A 227 -25.30 -5.47 -10.48
N GLN A 228 -24.08 -5.09 -10.16
CA GLN A 228 -23.86 -3.74 -9.67
C GLN A 228 -23.02 -2.98 -10.66
N GLY A 229 -22.77 -3.62 -11.79
CA GLY A 229 -21.90 -3.07 -12.82
C GLY A 229 -20.53 -2.68 -12.30
N VAL A 230 -20.01 -3.45 -11.35
CA VAL A 230 -18.69 -3.17 -10.79
C VAL A 230 -17.61 -3.45 -11.85
N LYS A 231 -17.69 -4.60 -12.50
CA LYS A 231 -16.76 -4.97 -13.57
C LYS A 231 -16.74 -3.93 -14.67
N ARG A 232 -17.93 -3.45 -15.04
CA ARG A 232 -18.08 -2.50 -16.11
C ARG A 232 -17.45 -1.15 -15.76
N ARG A 233 -17.89 -0.57 -14.65
CA ARG A 233 -17.36 0.72 -14.18
C ARG A 233 -15.85 0.67 -14.03
N ALA A 234 -15.34 -0.48 -13.57
CA ALA A 234 -13.91 -0.68 -13.43
C ALA A 234 -13.20 -0.77 -14.78
N ASP A 235 -13.87 -1.34 -15.78
CA ASP A 235 -13.29 -1.47 -17.11
C ASP A 235 -12.99 -0.10 -17.72
N VAL A 236 -13.78 0.90 -17.33
CA VAL A 236 -13.58 2.27 -17.79
C VAL A 236 -12.30 2.87 -17.20
N PHE A 237 -12.15 2.73 -15.88
CA PHE A 237 -10.99 3.29 -15.19
C PHE A 237 -9.69 2.56 -15.49
N PHE A 238 -9.76 1.24 -15.63
CA PHE A 238 -8.60 0.46 -16.05
C PHE A 238 -8.16 0.85 -17.45
N GLY A 239 -9.13 1.03 -18.33
CA GLY A 239 -8.86 1.43 -19.70
C GLY A 239 -8.16 2.77 -19.76
N LYS A 240 -8.72 3.77 -19.09
CA LYS A 240 -8.10 5.09 -19.00
C LYS A 240 -6.64 4.99 -18.55
N LEU A 241 -6.40 4.19 -17.53
CA LEU A 241 -5.08 4.05 -16.94
C LEU A 241 -4.11 3.33 -17.86
N LEU A 242 -4.57 2.27 -18.52
CA LEU A 242 -3.75 1.52 -19.46
C LEU A 242 -3.40 2.36 -20.68
N ALA A 243 -4.31 3.27 -21.04
CA ALA A 243 -4.08 4.19 -22.14
C ALA A 243 -2.89 5.08 -21.85
N LYS A 244 -2.98 5.85 -20.76
CA LYS A 244 -1.89 6.72 -20.29
C LYS A 244 -0.55 5.99 -20.31
N ILE A 245 -0.56 4.74 -19.89
CA ILE A 245 0.68 3.97 -19.77
C ILE A 245 1.18 3.52 -21.13
N GLU A 246 0.29 2.99 -21.95
CA GLU A 246 0.69 2.60 -23.30
C GLU A 246 1.15 3.83 -24.10
N GLY A 247 0.59 5.00 -23.79
CA GLY A 247 1.00 6.24 -24.40
C GLY A 247 2.43 6.57 -24.02
N TYR A 248 2.71 6.61 -22.72
CA TYR A 248 4.04 6.83 -22.20
C TYR A 248 5.06 5.85 -22.77
N LEU A 249 4.66 4.59 -22.92
CA LEU A 249 5.57 3.57 -23.45
C LEU A 249 5.91 3.86 -24.90
N ASN A 250 4.88 4.07 -25.71
CA ASN A 250 5.05 4.34 -27.14
C ASN A 250 5.91 5.56 -27.39
N GLU A 251 5.65 6.62 -26.64
CA GLU A 251 6.42 7.85 -26.74
C GLU A 251 7.90 7.63 -26.41
N ARG A 252 8.16 6.81 -25.40
CA ARG A 252 9.52 6.47 -25.02
C ARG A 252 10.21 5.68 -26.12
N LEU A 253 9.50 4.71 -26.68
CA LEU A 253 10.03 3.87 -27.76
C LEU A 253 10.42 4.70 -28.98
N GLU A 254 9.60 5.71 -29.28
CA GLU A 254 9.87 6.58 -30.41
C GLU A 254 11.05 7.51 -30.09
N SER A 255 10.97 8.18 -28.95
CA SER A 255 12.02 9.09 -28.52
C SER A 255 13.40 8.42 -28.55
N LYS A 256 13.47 7.15 -28.16
CA LYS A 256 14.73 6.41 -28.12
C LYS A 256 15.22 6.08 -29.52
N ARG A 257 14.28 5.82 -30.41
CA ARG A 257 14.58 5.52 -31.79
C ARG A 257 15.07 6.78 -32.51
N ALA A 258 14.40 7.89 -32.27
CA ALA A 258 14.77 9.17 -32.87
C ALA A 258 16.00 9.83 -32.23
N ASN A 259 16.28 9.51 -30.97
CA ASN A 259 17.43 10.10 -30.28
C ASN A 259 18.40 9.04 -29.72
N PRO A 260 19.09 8.32 -30.61
CA PRO A 260 19.96 7.21 -30.20
C PRO A 260 21.11 7.63 -29.29
N ASN A 261 21.44 8.92 -29.30
CA ASN A 261 22.60 9.46 -28.57
C ASN A 261 22.19 10.23 -27.31
N ALA A 262 20.91 10.25 -27.02
CA ALA A 262 20.45 10.90 -25.82
C ALA A 262 20.84 10.06 -24.61
N PRO A 263 21.12 10.72 -23.48
CA PRO A 263 21.40 10.01 -22.24
C PRO A 263 20.20 9.18 -21.79
N LYS A 264 20.46 7.99 -21.23
CA LYS A 264 19.38 7.12 -20.75
C LYS A 264 18.67 7.68 -19.52
N LYS A 265 17.34 7.72 -19.58
CA LYS A 265 16.53 8.12 -18.43
C LYS A 265 16.70 7.12 -17.30
N ASP A 266 16.46 7.58 -16.07
CA ASP A 266 16.64 6.74 -14.88
C ASP A 266 15.30 6.33 -14.28
N ASP A 267 14.45 5.66 -15.06
CA ASP A 267 13.13 5.27 -14.58
C ASP A 267 12.75 3.83 -14.93
N PHE A 268 11.57 3.42 -14.51
CA PHE A 268 11.08 2.06 -14.76
C PHE A 268 10.73 1.88 -16.23
N LEU A 269 10.24 2.94 -16.84
CA LEU A 269 9.82 2.91 -18.23
C LEU A 269 11.01 2.58 -19.13
N GLU A 270 12.16 3.20 -18.83
CA GLU A 270 13.39 2.90 -19.54
C GLU A 270 13.77 1.43 -19.39
N ILE A 271 13.56 0.88 -18.19
CA ILE A 271 13.88 -0.53 -17.92
C ILE A 271 12.93 -1.46 -18.69
N VAL A 272 11.67 -1.07 -18.80
CA VAL A 272 10.69 -1.86 -19.55
C VAL A 272 11.14 -2.00 -20.99
N VAL A 273 11.41 -0.86 -21.64
CA VAL A 273 11.80 -0.83 -23.04
C VAL A 273 12.99 -1.75 -23.33
N ASP A 274 13.99 -1.73 -22.47
CA ASP A 274 15.20 -2.51 -22.71
C ASP A 274 14.95 -4.01 -22.59
N ILE A 275 14.21 -4.41 -21.56
CA ILE A 275 13.87 -5.83 -21.38
C ILE A 275 13.12 -6.35 -22.59
N ILE A 276 12.10 -5.61 -23.00
CA ILE A 276 11.33 -5.94 -24.20
C ILE A 276 12.25 -6.09 -25.41
N GLN A 277 13.01 -5.03 -25.70
CA GLN A 277 13.90 -5.02 -26.87
C GLN A 277 15.10 -5.96 -26.75
N ALA A 278 15.21 -6.68 -25.63
CA ALA A 278 16.23 -7.71 -25.48
C ALA A 278 15.60 -9.10 -25.59
N ASN A 279 14.27 -9.16 -25.46
CA ASN A 279 13.48 -10.36 -25.73
C ASN A 279 13.90 -11.62 -24.97
N GLU A 280 14.40 -11.44 -23.76
CA GLU A 280 14.86 -12.57 -22.94
C GLU A 280 13.75 -13.21 -22.12
N PHE A 281 12.61 -12.54 -22.02
CA PHE A 281 11.49 -13.07 -21.24
C PHE A 281 10.30 -13.47 -22.11
N LYS A 282 9.73 -14.64 -21.84
CA LYS A 282 8.47 -15.03 -22.46
C LYS A 282 7.32 -14.20 -21.86
N LEU A 283 7.22 -12.95 -22.30
CA LEU A 283 6.18 -12.04 -21.85
C LEU A 283 5.76 -11.17 -23.03
N LYS A 284 4.47 -10.89 -23.16
CA LYS A 284 4.02 -9.98 -24.20
C LYS A 284 4.16 -8.55 -23.71
N THR A 285 3.72 -7.60 -24.53
CA THR A 285 3.79 -6.21 -24.16
C THR A 285 2.84 -5.90 -23.02
N HIS A 286 1.61 -6.43 -23.09
CA HIS A 286 0.59 -6.04 -22.12
C HIS A 286 0.94 -6.53 -20.71
N HIS A 287 1.85 -7.47 -20.60
CA HIS A 287 2.37 -7.86 -19.29
C HIS A 287 3.00 -6.65 -18.62
N PHE A 288 3.82 -5.93 -19.36
CA PHE A 288 4.56 -4.80 -18.81
C PHE A 288 3.65 -3.59 -18.60
N THR A 289 2.65 -3.41 -19.45
CA THR A 289 1.79 -2.24 -19.28
C THR A 289 0.90 -2.48 -18.07
N HIS A 290 0.45 -3.73 -17.91
CA HIS A 290 -0.39 -4.09 -16.77
C HIS A 290 0.46 -4.11 -15.51
N LEU A 291 1.71 -4.54 -15.63
CA LEU A 291 2.64 -4.53 -14.49
C LEU A 291 2.86 -3.14 -13.93
N MET A 292 3.11 -2.17 -14.80
CA MET A 292 3.35 -0.81 -14.34
C MET A 292 2.10 -0.23 -13.71
N LEU A 293 0.94 -0.63 -14.22
CA LEU A 293 -0.35 -0.25 -13.67
C LEU A 293 -0.48 -0.71 -12.22
N ASP A 294 -0.07 -1.95 -11.97
CA ASP A 294 -0.10 -2.52 -10.62
C ASP A 294 0.85 -1.78 -9.71
N LEU A 295 2.03 -1.44 -10.22
CA LEU A 295 2.99 -0.70 -9.43
C LEU A 295 2.46 0.68 -9.10
N PHE A 296 1.95 1.37 -10.12
CA PHE A 296 1.44 2.73 -9.93
C PHE A 296 0.26 2.76 -8.96
N VAL A 297 -0.67 1.83 -9.12
CA VAL A 297 -1.84 1.77 -8.24
C VAL A 297 -1.48 1.26 -6.85
N GLY A 298 -0.67 0.20 -6.81
CA GLY A 298 -0.23 -0.40 -5.57
C GLY A 298 0.49 0.57 -4.65
N GLY A 299 1.13 1.57 -5.23
CA GLY A 299 1.91 2.52 -4.46
C GLY A 299 1.20 3.82 -4.13
N SER A 300 -0.01 3.96 -4.66
CA SER A 300 -0.74 5.22 -4.52
C SER A 300 -1.47 5.34 -3.19
N ASP A 301 -2.56 4.59 -3.02
CA ASP A 301 -3.37 4.69 -1.80
C ASP A 301 -2.58 4.30 -0.55
N THR A 302 -1.68 3.34 -0.70
CA THR A 302 -0.89 2.84 0.43
C THR A 302 -0.08 3.96 1.08
N ASN A 303 0.79 4.59 0.30
CA ASN A 303 1.60 5.68 0.83
C ASN A 303 0.76 6.90 1.19
N THR A 304 -0.28 7.16 0.41
CA THR A 304 -1.14 8.32 0.64
C THR A 304 -1.72 8.30 2.04
N THR A 305 -2.33 7.18 2.44
CA THR A 305 -2.96 7.12 3.76
C THR A 305 -1.93 6.95 4.89
N SER A 306 -0.81 6.28 4.60
CA SER A 306 0.23 6.09 5.61
C SER A 306 0.87 7.42 6.03
N ILE A 307 1.10 8.30 5.06
CA ILE A 307 1.65 9.61 5.34
C ILE A 307 0.71 10.41 6.24
N GLU A 308 -0.59 10.33 5.98
CA GLU A 308 -1.58 11.03 6.79
C GLU A 308 -1.62 10.46 8.22
N TRP A 309 -1.56 9.15 8.36
CA TRP A 309 -1.51 8.53 9.68
C TRP A 309 -0.24 8.96 10.44
N ALA A 310 0.90 8.92 9.75
CA ALA A 310 2.15 9.38 10.33
C ALA A 310 1.98 10.80 10.89
N MET A 311 1.58 11.74 10.05
CA MET A 311 1.41 13.13 10.47
C MET A 311 0.36 13.25 11.57
N SER A 312 -0.70 12.46 11.47
CA SER A 312 -1.72 12.46 12.50
C SER A 312 -1.13 12.03 13.86
N GLU A 313 -0.45 10.90 13.86
CA GLU A 313 0.16 10.39 15.08
C GLU A 313 1.13 11.40 15.72
N LEU A 314 2.00 11.99 14.92
CA LEU A 314 3.00 12.91 15.44
C LEU A 314 2.35 14.14 16.09
N VAL A 315 1.36 14.71 15.41
CA VAL A 315 0.64 15.88 15.92
C VAL A 315 -0.08 15.55 17.24
N MET A 316 -0.60 14.33 17.35
CA MET A 316 -1.35 13.94 18.54
C MET A 316 -0.42 13.55 19.69
N ASN A 317 0.83 13.22 19.37
CA ASN A 317 1.84 12.87 20.36
C ASN A 317 3.02 13.83 20.27
N PRO A 318 2.87 15.00 20.88
CA PRO A 318 3.80 16.13 20.74
C PRO A 318 5.22 15.78 21.20
N ASP A 319 5.32 14.86 22.16
CA ASP A 319 6.61 14.36 22.62
C ASP A 319 7.37 13.70 21.48
N LYS A 320 6.66 12.88 20.70
CA LYS A 320 7.29 12.12 19.64
C LYS A 320 7.62 13.05 18.45
N MET A 321 6.73 13.98 18.16
CA MET A 321 7.02 15.01 17.16
C MET A 321 8.32 15.76 17.49
N ALA A 322 8.49 16.11 18.77
CA ALA A 322 9.71 16.78 19.22
C ALA A 322 10.97 15.93 19.02
N ARG A 323 10.90 14.66 19.39
CA ARG A 323 12.03 13.74 19.28
C ARG A 323 12.45 13.55 17.83
N LEU A 324 11.49 13.48 16.93
CA LEU A 324 11.78 13.38 15.51
C LEU A 324 12.42 14.66 14.99
N LYS A 325 11.85 15.80 15.36
CA LYS A 325 12.39 17.10 14.95
C LYS A 325 13.84 17.29 15.39
N ALA A 326 14.13 16.90 16.63
CA ALA A 326 15.49 17.00 17.16
C ALA A 326 16.46 16.12 16.38
N GLU A 327 16.06 14.88 16.08
CA GLU A 327 16.90 13.99 15.27
C GLU A 327 17.13 14.55 13.89
N LEU A 328 16.09 15.14 13.30
CA LEU A 328 16.19 15.71 11.96
C LEU A 328 17.07 16.94 11.97
N LYS A 329 16.84 17.85 12.92
CA LYS A 329 17.67 19.04 13.04
C LYS A 329 19.14 18.65 13.12
N SER A 330 19.43 17.72 14.01
CA SER A 330 20.80 17.27 14.25
C SER A 330 21.48 16.70 13.00
N VAL A 331 20.72 16.03 12.13
CA VAL A 331 21.33 15.32 11.01
C VAL A 331 21.35 16.14 9.72
N ALA A 332 20.25 16.80 9.40
CA ALA A 332 20.13 17.57 8.14
C ALA A 332 20.33 19.07 8.34
N GLY A 333 20.16 19.52 9.58
CA GLY A 333 20.44 20.90 9.94
C GLY A 333 19.62 21.93 9.20
N ASP A 334 20.27 22.58 8.24
CA ASP A 334 19.62 23.66 7.50
C ASP A 334 19.22 23.20 6.10
N GLU A 335 19.72 22.04 5.67
CA GLU A 335 19.18 21.35 4.50
C GLU A 335 17.68 21.20 4.68
N LYS A 336 16.91 21.42 3.62
CA LYS A 336 15.46 21.32 3.75
C LYS A 336 14.94 20.00 3.19
N ILE A 337 15.76 19.33 2.39
CA ILE A 337 15.40 18.04 1.82
C ILE A 337 16.52 17.03 2.07
N VAL A 338 16.19 16.02 2.86
CA VAL A 338 17.11 14.95 3.22
C VAL A 338 17.46 14.05 2.02
N ASP A 339 18.73 13.66 1.90
CA ASP A 339 19.08 12.63 0.93
C ASP A 339 18.55 11.29 1.40
N GLU A 340 17.92 10.56 0.51
CA GLU A 340 17.43 9.21 0.83
C GLU A 340 18.54 8.33 1.36
N SER A 341 19.76 8.54 0.86
CA SER A 341 20.92 7.79 1.33
C SER A 341 21.24 8.06 2.80
N ALA A 342 20.68 9.13 3.35
CA ALA A 342 20.88 9.50 4.75
C ALA A 342 19.97 8.72 5.70
N MET A 343 19.23 7.75 5.18
CA MET A 343 18.27 7.03 6.00
C MET A 343 18.89 6.24 7.17
N PRO A 344 20.03 5.57 6.93
CA PRO A 344 20.70 4.92 8.07
C PRO A 344 21.10 5.89 9.19
N LYS A 345 21.26 7.17 8.88
CA LYS A 345 21.58 8.16 9.89
C LYS A 345 20.34 8.61 10.66
N LEU A 346 19.19 8.01 10.37
CA LEU A 346 17.92 8.44 10.96
C LEU A 346 17.11 7.31 11.59
N PRO A 347 17.61 6.75 12.71
CA PRO A 347 16.92 5.62 13.33
C PRO A 347 15.55 5.98 13.95
N TYR A 348 15.34 7.22 14.40
CA TYR A 348 14.05 7.56 15.00
C TYR A 348 12.97 7.75 13.93
N LEU A 349 13.36 8.28 12.77
CA LEU A 349 12.43 8.40 11.65
C LEU A 349 11.97 7.02 11.20
N GLN A 350 12.88 6.05 11.16
CA GLN A 350 12.51 4.69 10.79
C GLN A 350 11.56 4.06 11.80
N ALA A 351 11.86 4.28 13.08
CA ALA A 351 11.05 3.77 14.18
C ALA A 351 9.64 4.35 14.11
N VAL A 352 9.54 5.62 13.76
CA VAL A 352 8.24 6.28 13.61
C VAL A 352 7.42 5.59 12.53
N ILE A 353 8.01 5.41 11.35
CA ILE A 353 7.33 4.72 10.26
C ILE A 353 7.03 3.25 10.61
N LYS A 354 7.97 2.56 11.27
CA LYS A 354 7.72 1.19 11.68
C LYS A 354 6.52 1.13 12.59
N GLU A 355 6.40 2.14 13.45
CA GLU A 355 5.36 2.12 14.46
C GLU A 355 4.04 2.51 13.82
N VAL A 356 4.10 3.40 12.83
CA VAL A 356 2.90 3.78 12.06
C VAL A 356 2.37 2.57 11.29
N MET A 357 3.27 1.78 10.72
CA MET A 357 2.88 0.52 10.07
C MET A 357 2.30 -0.49 11.04
N ARG A 358 2.81 -0.52 12.27
CA ARG A 358 2.27 -1.44 13.27
C ARG A 358 0.81 -1.14 13.57
N ILE A 359 0.52 0.13 13.82
CA ILE A 359 -0.82 0.55 14.23
C ILE A 359 -1.75 0.73 13.02
N HIS A 360 -1.21 1.26 11.92
CA HIS A 360 -2.02 1.57 10.75
C HIS A 360 -1.54 0.87 9.48
N PRO A 361 -1.56 -0.47 9.46
CA PRO A 361 -1.28 -1.08 8.16
C PRO A 361 -2.35 -0.67 7.16
N PRO A 362 -1.95 -0.08 6.02
CA PRO A 362 -2.89 0.43 5.01
C PRO A 362 -3.94 -0.61 4.61
N GLY A 363 -3.47 -1.84 4.36
CA GLY A 363 -4.37 -2.95 4.15
C GLY A 363 -4.35 -3.80 5.40
N PRO A 364 -5.33 -3.60 6.29
CA PRO A 364 -5.39 -4.30 7.59
C PRO A 364 -5.49 -5.82 7.41
N LEU A 365 -6.11 -6.25 6.32
CA LEU A 365 -6.25 -7.67 5.99
C LEU A 365 -5.34 -8.03 4.83
N LEU A 366 -4.29 -7.23 4.65
CA LEU A 366 -3.33 -7.37 3.55
C LEU A 366 -4.06 -7.57 2.23
N LEU A 367 -3.54 -8.48 1.38
CA LEU A 367 -4.24 -8.93 0.19
C LEU A 367 -4.54 -10.41 0.32
N PRO A 368 -5.72 -10.82 -0.19
CA PRO A 368 -6.14 -12.22 -0.01
C PRO A 368 -5.14 -13.21 -0.58
N ARG A 369 -4.95 -14.32 0.13
CA ARG A 369 -4.25 -15.45 -0.44
C ARG A 369 -5.31 -16.51 -0.71
N LYS A 370 -4.87 -17.71 -1.10
CA LYS A 370 -5.82 -18.77 -1.42
C LYS A 370 -5.12 -20.10 -1.36
N ALA A 371 -5.76 -21.08 -0.71
CA ALA A 371 -5.24 -22.44 -0.65
C ALA A 371 -5.33 -23.10 -2.02
N GLU A 372 -4.20 -23.60 -2.51
CA GLU A 372 -4.13 -24.22 -3.83
C GLU A 372 -4.49 -25.71 -3.75
N SER A 373 -4.54 -26.21 -2.52
CA SER A 373 -4.98 -27.58 -2.28
C SER A 373 -5.43 -27.70 -0.83
N ASP A 374 -6.04 -28.82 -0.47
CA ASP A 374 -6.35 -29.10 0.92
C ASP A 374 -5.07 -29.13 1.73
N GLN A 375 -5.13 -28.57 2.92
CA GLN A 375 -3.96 -28.53 3.76
C GLN A 375 -4.40 -28.45 5.21
N GLU A 376 -3.78 -29.26 6.06
CA GLU A 376 -4.06 -29.26 7.48
C GLU A 376 -3.14 -28.28 8.20
N VAL A 377 -3.73 -27.44 9.05
CA VAL A 377 -2.99 -26.50 9.88
C VAL A 377 -3.51 -26.58 11.31
N ASN A 378 -2.67 -26.97 12.24
CA ASN A 378 -3.04 -27.03 13.65
C ASN A 378 -4.28 -27.90 13.87
N GLY A 379 -4.29 -29.08 13.26
CA GLY A 379 -5.41 -29.99 13.42
C GLY A 379 -6.67 -29.64 12.62
N TYR A 380 -6.69 -28.47 12.00
CA TYR A 380 -7.85 -28.02 11.22
C TYR A 380 -7.66 -28.19 9.73
N LEU A 381 -8.66 -28.73 9.06
CA LEU A 381 -8.62 -28.85 7.60
C LEU A 381 -8.89 -27.51 6.93
N ILE A 382 -8.01 -27.11 6.03
CA ILE A 382 -8.27 -25.94 5.20
C ILE A 382 -8.39 -26.40 3.75
N PRO A 383 -9.62 -26.43 3.22
CA PRO A 383 -9.95 -26.95 1.89
C PRO A 383 -9.41 -26.10 0.74
N LYS A 384 -9.14 -26.75 -0.38
CA LYS A 384 -8.73 -26.07 -1.61
C LYS A 384 -9.71 -24.95 -1.95
N GLY A 385 -9.19 -23.80 -2.33
CA GLY A 385 -10.05 -22.70 -2.72
C GLY A 385 -10.34 -21.70 -1.62
N THR A 386 -10.10 -22.09 -0.37
CA THR A 386 -10.36 -21.22 0.77
C THR A 386 -9.66 -19.86 0.62
N GLN A 387 -10.40 -18.77 0.85
CA GLN A 387 -9.77 -17.46 0.90
C GLN A 387 -9.08 -17.30 2.25
N ILE A 388 -7.80 -16.94 2.21
CA ILE A 388 -7.00 -16.73 3.41
C ILE A 388 -6.77 -15.25 3.63
N LEU A 389 -7.25 -14.72 4.74
CA LEU A 389 -6.97 -13.33 5.09
C LEU A 389 -6.09 -13.22 6.34
N ILE A 390 -4.90 -12.66 6.17
CA ILE A 390 -4.01 -12.34 7.29
C ILE A 390 -4.46 -11.05 7.96
N ASN A 391 -4.99 -11.12 9.17
CA ASN A 391 -5.33 -9.89 9.86
C ASN A 391 -4.12 -9.29 10.55
N ALA A 392 -3.30 -8.58 9.78
CA ALA A 392 -2.08 -7.95 10.30
C ALA A 392 -2.42 -6.82 11.27
N TYR A 393 -3.54 -6.15 11.02
CA TYR A 393 -4.11 -5.18 11.94
C TYR A 393 -4.30 -5.76 13.34
N ALA A 394 -4.95 -6.93 13.41
CA ALA A 394 -5.20 -7.59 14.68
C ALA A 394 -3.89 -7.86 15.38
N ILE A 395 -2.93 -8.41 14.64
CA ILE A 395 -1.65 -8.79 15.20
C ILE A 395 -0.89 -7.57 15.70
N GLY A 396 -0.96 -6.48 14.94
CA GLY A 396 -0.30 -5.24 15.32
C GLY A 396 -0.83 -4.62 16.62
N ARG A 397 -2.07 -4.96 16.97
CA ARG A 397 -2.70 -4.39 18.16
C ARG A 397 -3.01 -5.42 19.25
N ASP A 398 -2.47 -6.63 19.11
CA ASP A 398 -2.64 -7.68 20.11
C ASP A 398 -1.77 -7.44 21.34
N PRO A 399 -2.41 -7.18 22.49
CA PRO A 399 -1.68 -6.88 23.75
C PRO A 399 -0.81 -8.03 24.23
N SER A 400 -1.04 -9.24 23.72
CA SER A 400 -0.21 -10.38 24.11
C SER A 400 1.08 -10.41 23.31
N ILE A 401 1.25 -9.43 22.42
CA ILE A 401 2.42 -9.37 21.56
C ILE A 401 3.12 -8.03 21.69
N TRP A 402 2.31 -7.00 21.87
CA TRP A 402 2.81 -5.64 21.97
C TRP A 402 2.31 -4.98 23.26
N THR A 403 3.24 -4.45 24.02
CA THR A 403 2.91 -3.71 25.24
C THR A 403 2.23 -2.39 24.88
N ASP A 404 1.11 -2.10 25.56
CA ASP A 404 0.34 -0.87 25.34
C ASP A 404 0.07 -0.64 23.86
N PRO A 405 -0.69 -1.55 23.23
CA PRO A 405 -0.75 -1.66 21.77
C PRO A 405 -1.35 -0.42 21.12
N GLU A 406 -2.25 0.25 21.83
CA GLU A 406 -2.95 1.40 21.27
C GLU A 406 -2.14 2.69 21.43
N THR A 407 -1.05 2.60 22.19
CA THR A 407 -0.13 3.72 22.42
C THR A 407 0.85 3.91 21.25
N PHE A 408 1.00 5.16 20.80
CA PHE A 408 2.00 5.46 19.77
C PHE A 408 3.36 5.73 20.40
N ASP A 409 4.29 4.81 20.17
CA ASP A 409 5.57 4.81 20.86
C ASP A 409 6.68 4.28 19.98
N PRO A 410 7.23 5.14 19.12
CA PRO A 410 8.33 4.73 18.23
C PRO A 410 9.51 4.13 18.98
N GLU A 411 9.69 4.56 20.23
CA GLU A 411 10.82 4.12 21.04
C GLU A 411 10.89 2.62 21.20
N ARG A 412 9.78 1.93 20.95
CA ARG A 412 9.76 0.49 21.11
C ARG A 412 10.49 -0.23 19.96
N PHE A 413 10.86 0.50 18.91
CA PHE A 413 11.59 -0.10 17.78
C PHE A 413 13.09 0.21 17.78
N LEU A 414 13.50 1.17 18.60
CA LEU A 414 14.90 1.54 18.71
C LEU A 414 15.73 0.38 19.25
N ASP A 415 16.83 0.07 18.55
CA ASP A 415 17.72 -1.04 18.88
C ASP A 415 16.97 -2.35 18.87
N ASN A 416 15.89 -2.38 18.10
CA ASN A 416 15.04 -3.55 17.99
C ASN A 416 15.13 -4.14 16.59
N LYS A 417 15.53 -5.42 16.52
CA LYS A 417 15.72 -6.10 15.24
C LYS A 417 14.41 -6.31 14.49
N ILE A 418 13.29 -6.19 15.20
CA ILE A 418 11.99 -6.34 14.57
C ILE A 418 11.79 -5.33 13.45
N ASP A 419 11.52 -5.85 12.26
CA ASP A 419 11.33 -5.06 11.05
C ASP A 419 10.08 -5.53 10.30
N PHE A 420 9.72 -4.86 9.22
CA PHE A 420 8.49 -5.21 8.49
C PHE A 420 8.73 -5.86 7.13
N LYS A 421 9.89 -6.49 6.96
CA LYS A 421 10.26 -7.02 5.66
C LYS A 421 9.66 -8.40 5.41
N GLY A 422 9.11 -9.00 6.46
CA GLY A 422 8.43 -10.27 6.32
C GLY A 422 8.93 -11.37 7.25
N GLN A 423 10.02 -11.09 7.98
CA GLN A 423 10.67 -12.10 8.83
C GLN A 423 10.15 -12.06 10.26
N ASP A 424 9.53 -10.95 10.61
CA ASP A 424 8.94 -10.79 11.93
C ASP A 424 7.42 -10.82 11.84
N TYR A 425 6.84 -11.92 12.31
CA TYR A 425 5.42 -12.18 12.11
C TYR A 425 4.58 -11.43 13.12
N GLU A 426 5.24 -10.62 13.94
CA GLU A 426 4.56 -9.67 14.83
C GLU A 426 4.22 -8.40 14.05
N LEU A 427 4.88 -8.21 12.91
CA LEU A 427 4.78 -6.99 12.14
C LEU A 427 4.74 -7.28 10.65
N LEU A 428 3.54 -7.29 10.06
CA LEU A 428 3.39 -7.73 8.68
C LEU A 428 2.63 -6.79 7.73
N PRO A 429 2.94 -5.48 7.76
CA PRO A 429 2.15 -4.57 6.91
C PRO A 429 2.39 -4.80 5.42
N PHE A 430 3.45 -5.54 5.07
CA PHE A 430 3.80 -5.81 3.68
C PHE A 430 3.58 -7.27 3.30
N GLY A 431 3.06 -8.06 4.22
CA GLY A 431 2.94 -9.49 3.99
C GLY A 431 4.25 -10.21 4.24
N SER A 432 4.30 -11.47 3.81
CA SER A 432 5.48 -12.30 4.01
C SER A 432 5.38 -13.48 3.04
N GLY A 433 6.44 -14.27 2.92
CA GLY A 433 6.40 -15.44 2.05
C GLY A 433 6.47 -15.11 0.56
N ARG A 434 5.77 -15.89 -0.25
CA ARG A 434 5.85 -15.81 -1.71
C ARG A 434 5.51 -14.46 -2.30
N ARG A 435 4.35 -13.90 -1.93
CA ARG A 435 3.85 -12.71 -2.62
C ARG A 435 4.10 -11.43 -1.84
N VAL A 436 5.06 -11.48 -0.93
CA VAL A 436 5.43 -10.29 -0.14
C VAL A 436 5.64 -9.08 -1.06
N CYS A 437 5.21 -7.91 -0.58
CA CYS A 437 5.22 -6.70 -1.39
C CYS A 437 6.58 -6.39 -2.03
N PRO A 438 6.60 -6.33 -3.37
CA PRO A 438 7.84 -6.12 -4.13
C PRO A 438 8.20 -4.64 -4.23
N GLY A 439 7.23 -3.77 -3.99
CA GLY A 439 7.44 -2.34 -4.12
C GLY A 439 7.97 -1.70 -2.85
N MET A 440 8.24 -2.53 -1.85
CA MET A 440 8.64 -2.08 -0.52
C MET A 440 9.83 -1.10 -0.53
N PRO A 441 10.89 -1.38 -1.32
CA PRO A 441 12.02 -0.43 -1.35
C PRO A 441 11.63 0.99 -1.78
N LEU A 442 10.72 1.11 -2.75
CA LEU A 442 10.23 2.42 -3.15
C LEU A 442 9.29 3.00 -2.10
N ALA A 443 8.46 2.13 -1.53
CA ALA A 443 7.47 2.55 -0.55
C ALA A 443 8.09 3.25 0.64
N THR A 444 9.13 2.63 1.20
CA THR A 444 9.74 3.13 2.42
C THR A 444 10.37 4.49 2.15
N ARG A 445 11.04 4.64 1.01
CA ARG A 445 11.64 5.90 0.60
C ARG A 445 10.59 6.99 0.55
N ILE A 446 9.43 6.65 0.00
CA ILE A 446 8.34 7.61 -0.14
C ILE A 446 7.79 8.00 1.24
N LEU A 447 7.51 7.01 2.08
CA LEU A 447 7.07 7.25 3.45
C LEU A 447 8.09 8.08 4.24
N HIS A 448 9.34 7.65 4.23
CA HIS A 448 10.38 8.32 5.00
C HIS A 448 10.59 9.76 4.54
N MET A 449 10.74 9.97 3.24
CA MET A 449 11.07 11.32 2.75
C MET A 449 9.93 12.31 2.87
N ALA A 450 8.72 11.90 2.51
CA ALA A 450 7.59 12.80 2.58
C ALA A 450 7.31 13.19 4.05
N THR A 451 7.45 12.24 4.94
CA THR A 451 7.28 12.53 6.36
C THR A 451 8.37 13.48 6.85
N ALA A 452 9.60 13.23 6.39
CA ALA A 452 10.74 14.06 6.79
C ALA A 452 10.58 15.50 6.31
N THR A 453 10.18 15.65 5.05
CA THR A 453 10.02 16.97 4.47
C THR A 453 9.04 17.81 5.27
N LEU A 454 7.90 17.22 5.63
CA LEU A 454 6.86 17.93 6.35
C LEU A 454 7.23 18.28 7.80
N VAL A 455 7.85 17.33 8.49
CA VAL A 455 8.16 17.52 9.91
C VAL A 455 9.33 18.48 10.15
N HIS A 456 10.37 18.36 9.32
CA HIS A 456 11.60 19.13 9.50
C HIS A 456 11.44 20.61 9.24
N ASN A 457 10.60 20.96 8.27
CA ASN A 457 10.50 22.33 7.76
C ASN A 457 9.41 23.21 8.39
N PHE A 458 8.49 22.60 9.12
CA PHE A 458 7.37 23.33 9.69
C PHE A 458 7.00 22.76 11.05
N ASP A 459 6.41 23.61 11.88
CA ASP A 459 5.73 23.14 13.08
C ASP A 459 4.26 23.09 12.71
N TRP A 460 3.46 22.33 13.46
CA TRP A 460 2.06 22.13 13.09
C TRP A 460 1.08 22.22 14.26
N LYS A 461 -0.09 22.79 13.99
CA LYS A 461 -1.19 22.69 14.94
C LYS A 461 -2.45 22.29 14.20
N LEU A 462 -3.33 21.59 14.90
CA LEU A 462 -4.64 21.27 14.37
C LEU A 462 -5.40 22.54 14.02
N GLU A 463 -6.15 22.51 12.91
CA GLU A 463 -7.06 23.59 12.57
C GLU A 463 -8.12 23.73 13.68
N ASP A 464 -8.55 22.59 14.20
CA ASP A 464 -9.52 22.56 15.29
C ASP A 464 -9.34 21.31 16.15
N ASP A 465 -9.07 21.49 17.43
CA ASP A 465 -8.84 20.36 18.32
C ASP A 465 -10.07 19.94 19.12
N SER A 466 -11.24 20.44 18.74
CA SER A 466 -12.46 20.19 19.52
C SER A 466 -12.88 18.72 19.48
N THR A 467 -12.93 18.15 18.27
CA THR A 467 -13.22 16.74 18.10
C THR A 467 -11.95 15.93 17.87
N ALA A 468 -10.83 16.47 18.34
CA ALA A 468 -9.49 15.95 18.04
C ALA A 468 -9.34 14.44 18.23
N ALA A 469 -9.50 13.98 19.46
CA ALA A 469 -9.33 12.56 19.76
C ALA A 469 -10.22 11.68 18.90
N ALA A 470 -11.47 12.12 18.69
CA ALA A 470 -12.44 11.36 17.91
C ALA A 470 -12.01 11.24 16.47
N ASP A 471 -11.51 12.33 15.91
CA ASP A 471 -11.11 12.38 14.51
C ASP A 471 -9.97 11.40 14.21
N HIS A 472 -9.06 11.24 15.18
CA HIS A 472 -7.90 10.36 15.03
C HIS A 472 -8.28 8.89 15.06
N ALA A 473 -9.24 8.55 15.92
CA ALA A 473 -9.60 7.15 16.13
C ALA A 473 -10.55 6.63 15.06
N GLY A 474 -11.25 7.53 14.38
CA GLY A 474 -12.27 7.13 13.44
C GLY A 474 -11.72 6.68 12.10
N GLU A 475 -11.89 5.40 11.81
CA GLU A 475 -11.39 4.80 10.57
C GLU A 475 -12.49 4.60 9.53
N LEU A 476 -12.07 4.52 8.28
CA LEU A 476 -12.96 4.34 7.15
C LEU A 476 -12.38 3.27 6.24
N PHE A 477 -13.05 2.13 6.18
CA PHE A 477 -12.55 0.99 5.42
C PHE A 477 -12.64 1.26 3.92
N GLY A 478 -11.84 0.52 3.15
CA GLY A 478 -11.83 0.63 1.71
C GLY A 478 -10.60 -0.08 1.17
N VAL A 479 -10.14 0.35 0.00
CA VAL A 479 -8.90 -0.18 -0.57
C VAL A 479 -7.79 0.02 0.46
N ALA A 480 -7.81 1.18 1.12
CA ALA A 480 -6.93 1.44 2.24
C ALA A 480 -7.72 2.00 3.42
N VAL A 481 -7.51 1.47 4.61
CA VAL A 481 -8.13 2.06 5.79
C VAL A 481 -7.51 3.41 6.06
N ARG A 482 -8.35 4.44 6.16
CA ARG A 482 -7.84 5.78 6.42
C ARG A 482 -8.71 6.56 7.39
N ARG A 483 -8.20 7.70 7.83
CA ARG A 483 -8.95 8.60 8.69
C ARG A 483 -10.27 9.00 8.04
N ALA A 484 -11.37 8.77 8.74
CA ALA A 484 -12.67 9.23 8.29
C ALA A 484 -12.60 10.75 8.05
N VAL A 485 -12.29 11.49 9.11
CA VAL A 485 -12.01 12.91 9.00
C VAL A 485 -10.57 13.16 8.51
N PRO A 486 -10.42 13.70 7.28
CA PRO A 486 -9.07 14.02 6.75
C PRO A 486 -8.30 15.01 7.61
N LEU A 487 -7.03 14.73 7.87
CA LEU A 487 -6.21 15.58 8.73
C LEU A 487 -6.02 16.96 8.13
N ARG A 488 -6.37 17.98 8.89
CA ARG A 488 -6.14 19.36 8.48
C ARG A 488 -5.34 20.09 9.56
N ILE A 489 -4.13 20.51 9.18
CA ILE A 489 -3.22 21.14 10.13
C ILE A 489 -2.54 22.36 9.51
N ILE A 490 -2.24 23.35 10.35
CA ILE A 490 -1.65 24.61 9.91
C ILE A 490 -0.13 24.62 10.13
N PRO A 491 0.63 24.87 9.07
CA PRO A 491 2.11 24.92 9.07
C PRO A 491 2.70 26.28 9.46
N ILE A 492 3.51 26.31 10.52
CA ILE A 492 4.17 27.53 10.98
C ILE A 492 5.68 27.36 11.14
N VAL A 493 6.46 28.34 10.68
CA VAL A 493 7.91 28.30 10.88
C VAL A 493 8.35 29.44 11.79
#